data_5HZA
#
_entry.id   5HZA
#
_cell.length_a   65.710
_cell.length_b   78.170
_cell.length_c   71.840
_cell.angle_alpha   90.00
_cell.angle_beta   102.30
_cell.angle_gamma   90.00
#
_symmetry.space_group_name_H-M   'P 1 21 1'
#
loop_
_entity.id
_entity.type
_entity.pdbx_description
1 polymer 'Capsid protein'
2 branched alpha-L-fucopyranose-(1-3)-[beta-D-galactopyranose-(1-4)]beta-D-glucopyranose
3 non-polymer 1,2-ETHANEDIOL
4 water water
#
_entity_poly.entity_id   1
_entity_poly.type   'polypeptide(L)'
_entity_poly.pdbx_seq_one_letter_code
;SKPFTLPILTLGELTNSRFPLPIDVLYTNPNESAIVQCQNGRCTLDGELQGTTQLLPTGICAFRGKVTQQVQDEHRGTHW
NMTVTNLNGTPFDPTEDVPAPLGTPDFSGQIYGVISQRNTNTVPGEGNLPANRAHEAVIATYSPKFTPKLGNIQFSTWET
QDVSSGQPTKFTPVGLASVDANSHFDQWTLPSYSGALTLNMNLAPSVAPVFPGECLLFFRSFIPLKGGYGNPAIDCLMPQ
EWVQHLYQESAPSLSDVALVRYVNPETGRTLFEAKLHRNGFLTVARNSAGPVVAPTNGYFRFDSWVNQFYTLAPM
;
_entity_poly.pdbx_strand_id   A,B
#
# COMPACT_ATOMS: atom_id res chain seq x y z
N LYS A 2 -8.02 2.29 -29.27
CA LYS A 2 -8.44 1.90 -27.93
C LYS A 2 -8.86 3.11 -27.11
N PRO A 3 -10.14 3.19 -26.74
CA PRO A 3 -10.69 4.34 -26.03
C PRO A 3 -10.00 4.58 -24.69
N PHE A 4 -9.67 5.84 -24.45
CA PHE A 4 -9.13 6.24 -23.17
C PHE A 4 -10.19 6.15 -22.08
N THR A 5 -9.79 5.66 -20.91
CA THR A 5 -10.69 5.55 -19.75
C THR A 5 -9.97 5.85 -18.45
N LEU A 6 -10.75 6.26 -17.46
CA LEU A 6 -10.28 6.38 -16.08
C LEU A 6 -11.03 5.32 -15.28
N PRO A 7 -10.44 4.83 -14.17
CA PRO A 7 -11.20 3.90 -13.33
C PRO A 7 -12.38 4.58 -12.65
N ILE A 8 -13.36 3.80 -12.21
CA ILE A 8 -14.50 4.36 -11.50
C ILE A 8 -14.26 4.22 -9.99
N LEU A 9 -13.73 5.28 -9.39
CA LEU A 9 -13.31 5.27 -7.97
C LEU A 9 -13.56 6.64 -7.34
N THR A 10 -14.29 6.64 -6.24
CA THR A 10 -14.49 7.85 -5.47
C THR A 10 -13.20 8.23 -4.75
N LEU A 11 -13.14 9.42 -4.17
CA LEU A 11 -11.95 9.81 -3.42
C LEU A 11 -11.66 8.82 -2.32
N GLY A 12 -12.73 8.26 -1.74
CA GLY A 12 -12.61 7.29 -0.67
C GLY A 12 -12.15 5.92 -1.11
N GLU A 13 -11.93 5.77 -2.42
CA GLU A 13 -11.43 4.52 -2.98
C GLU A 13 -10.08 4.74 -3.67
N LEU A 14 -9.45 5.87 -3.39
CA LEU A 14 -8.16 6.22 -4.01
C LEU A 14 -7.04 6.36 -2.99
N THR A 15 -5.81 6.10 -3.42
CA THR A 15 -4.65 6.33 -2.58
C THR A 15 -3.62 7.22 -3.25
N ASN A 16 -2.82 7.87 -2.41
CA ASN A 16 -1.81 8.79 -2.85
C ASN A 16 -0.69 8.04 -3.56
N SER A 17 -0.14 8.64 -4.62
CA SER A 17 0.96 8.01 -5.35
C SER A 17 2.34 8.49 -4.86
N ARG A 18 2.36 9.42 -3.90
CA ARG A 18 3.63 9.95 -3.39
C ARG A 18 3.92 9.55 -1.94
N PHE A 19 2.94 8.98 -1.25
CA PHE A 19 3.13 8.42 0.09
C PHE A 19 1.99 7.44 0.33
N PRO A 20 2.22 6.36 1.11
CA PRO A 20 1.12 5.39 1.31
C PRO A 20 0.00 5.89 2.24
N LEU A 21 -0.91 6.65 1.65
CA LEU A 21 -1.98 7.33 2.35
C LEU A 21 -3.22 7.29 1.50
N PRO A 22 -4.41 7.23 2.12
CA PRO A 22 -5.65 7.43 1.37
C PRO A 22 -5.74 8.87 0.89
N ILE A 23 -6.43 9.09 -0.22
CA ILE A 23 -6.72 10.45 -0.65
C ILE A 23 -7.78 11.03 0.28
N ASP A 24 -7.52 12.21 0.81
CA ASP A 24 -8.46 12.85 1.71
C ASP A 24 -9.35 13.89 1.03
N VAL A 25 -8.77 14.73 0.18
CA VAL A 25 -9.53 15.81 -0.49
C VAL A 25 -8.85 16.18 -1.80
N LEU A 26 -9.61 16.75 -2.74
CA LEU A 26 -9.03 17.47 -3.87
C LEU A 26 -8.64 18.87 -3.42
N TYR A 27 -7.61 19.44 -4.02
CA TYR A 27 -7.01 20.65 -3.48
C TYR A 27 -6.39 21.51 -4.57
N THR A 28 -6.50 22.84 -4.44
CA THR A 28 -5.80 23.75 -5.33
C THR A 28 -4.95 24.75 -4.55
N ASN A 29 -3.94 25.30 -5.21
CA ASN A 29 -3.14 26.39 -4.65
C ASN A 29 -2.53 27.22 -5.77
N PRO A 30 -3.33 28.11 -6.39
CA PRO A 30 -2.88 28.85 -7.56
C PRO A 30 -1.63 29.70 -7.34
N ASN A 31 -1.39 30.15 -6.11
CA ASN A 31 -0.28 31.07 -5.88
C ASN A 31 1.02 30.37 -5.49
N GLU A 32 1.05 29.05 -5.64
CA GLU A 32 2.25 28.27 -5.38
C GLU A 32 3.44 28.83 -6.15
N SER A 33 4.52 29.11 -5.42
CA SER A 33 5.71 29.72 -6.03
C SER A 33 6.74 28.70 -6.49
N ALA A 34 6.64 27.47 -5.97
CA ALA A 34 7.61 26.45 -6.31
C ALA A 34 7.31 25.81 -7.65
N ILE A 35 8.35 25.33 -8.31
CA ILE A 35 8.19 24.47 -9.48
C ILE A 35 7.65 23.11 -9.05
N VAL A 36 6.55 22.67 -9.64
CA VAL A 36 5.97 21.37 -9.31
C VAL A 36 6.56 20.30 -10.22
N GLN A 37 7.40 19.44 -9.64
CA GLN A 37 8.12 18.45 -10.44
C GLN A 37 8.36 17.19 -9.63
N CYS A 38 7.29 16.71 -9.00
CA CYS A 38 7.37 15.48 -8.22
C CYS A 38 7.69 14.31 -9.16
N GLN A 39 8.28 13.26 -8.59
CA GLN A 39 8.81 12.15 -9.37
C GLN A 39 8.07 10.82 -9.14
N ASN A 40 7.34 10.74 -8.03
CA ASN A 40 6.40 9.63 -7.84
C ASN A 40 5.00 10.04 -8.31
N GLY A 41 4.19 9.05 -8.70
CA GLY A 41 2.89 9.34 -9.27
C GLY A 41 2.95 10.05 -10.60
N ARG A 42 3.94 9.68 -11.42
CA ARG A 42 4.13 10.28 -12.73
C ARG A 42 3.91 9.24 -13.81
N CYS A 43 2.91 9.48 -14.66
CA CYS A 43 2.55 8.55 -15.71
C CYS A 43 1.85 9.30 -16.81
N THR A 44 2.26 9.09 -18.07
CA THR A 44 1.56 9.72 -19.18
C THR A 44 0.20 9.06 -19.37
N LEU A 45 -0.68 9.73 -20.08
CA LEU A 45 -2.01 9.18 -20.30
C LEU A 45 -1.99 7.92 -21.14
N ASP A 46 -0.92 7.70 -21.91
CA ASP A 46 -0.83 6.45 -22.67
C ASP A 46 0.00 5.39 -21.95
N GLY A 47 0.25 5.60 -20.66
CA GLY A 47 0.74 4.53 -19.81
C GLY A 47 2.23 4.40 -19.59
N GLU A 48 2.98 5.46 -19.91
CA GLU A 48 4.42 5.45 -19.66
C GLU A 48 4.75 6.00 -18.28
N LEU A 49 5.25 5.14 -17.39
CA LEU A 49 5.72 5.57 -16.07
C LEU A 49 6.92 6.47 -16.24
N GLN A 50 7.03 7.51 -15.41
CA GLN A 50 8.15 8.42 -15.49
C GLN A 50 8.73 8.69 -14.10
N GLY A 51 9.88 9.38 -14.06
CA GLY A 51 10.53 9.66 -12.80
C GLY A 51 10.92 8.40 -12.05
N THR A 52 10.59 8.37 -10.77
CA THR A 52 10.86 7.21 -9.93
C THR A 52 9.60 6.36 -9.72
N THR A 53 8.59 6.55 -10.58
CA THR A 53 7.29 5.92 -10.35
C THR A 53 7.30 4.43 -10.64
N GLN A 54 6.77 3.66 -9.71
CA GLN A 54 6.55 2.23 -9.90
C GLN A 54 5.14 1.88 -9.46
N LEU A 55 4.73 0.64 -9.67
CA LEU A 55 3.32 0.26 -9.56
C LEU A 55 2.85 -0.12 -8.17
N LEU A 56 3.75 -0.56 -7.31
CA LEU A 56 3.34 -1.07 -6.00
C LEU A 56 2.98 0.00 -5.01
N PRO A 57 1.79 -0.07 -4.42
CA PRO A 57 1.49 0.87 -3.34
C PRO A 57 2.48 0.73 -2.17
N THR A 58 2.98 -0.48 -1.99
CA THR A 58 3.95 -0.80 -0.93
C THR A 58 5.37 -0.32 -1.24
N GLY A 59 5.59 0.13 -2.47
CA GLY A 59 6.91 0.56 -2.89
C GLY A 59 7.14 2.04 -2.76
N ILE A 60 6.07 2.81 -2.54
CA ILE A 60 6.17 4.26 -2.49
C ILE A 60 6.86 4.72 -1.21
N CYS A 61 8.00 5.38 -1.37
CA CYS A 61 8.87 5.81 -0.25
C CYS A 61 9.41 4.64 0.58
N ALA A 62 9.48 3.46 -0.04
CA ALA A 62 10.05 2.28 0.60
C ALA A 62 11.48 2.06 0.11
N PHE A 63 12.29 1.39 0.92
CA PHE A 63 13.62 0.97 0.52
C PHE A 63 13.85 -0.49 0.89
N ARG A 64 14.69 -1.14 0.10
N ARG A 64 14.65 -1.16 0.07
CA ARG A 64 15.13 -2.51 0.38
CA ARG A 64 15.16 -2.48 0.37
C ARG A 64 16.63 -2.57 0.14
C ARG A 64 16.66 -2.42 0.24
N GLY A 65 17.37 -3.19 1.06
CA GLY A 65 18.80 -3.26 0.96
C GLY A 65 19.42 -3.96 2.14
N LYS A 66 20.58 -3.44 2.57
N LYS A 66 20.58 -3.47 2.56
CA LYS A 66 21.33 -4.07 3.63
CA LYS A 66 21.33 -4.08 3.66
C LYS A 66 22.08 -3.01 4.42
C LYS A 66 22.07 -3.01 4.43
N VAL A 67 22.00 -3.06 5.75
CA VAL A 67 22.79 -2.16 6.56
C VAL A 67 24.27 -2.55 6.40
N THR A 68 25.13 -1.56 6.20
CA THR A 68 26.56 -1.84 6.10
C THR A 68 27.24 -1.70 7.46
N GLN A 69 26.96 -0.60 8.15
CA GLN A 69 27.57 -0.31 9.44
C GLN A 69 26.89 0.87 10.10
N GLN A 70 27.08 0.99 11.41
N GLN A 70 27.09 0.99 11.40
CA GLN A 70 26.73 2.21 12.11
CA GLN A 70 26.76 2.19 12.15
C GLN A 70 27.70 3.29 11.67
C GLN A 70 27.72 3.30 11.71
N VAL A 71 27.23 4.52 11.60
CA VAL A 71 28.07 5.64 11.19
C VAL A 71 27.90 6.83 12.13
N GLN A 72 28.74 7.83 11.93
CA GLN A 72 28.71 9.02 12.75
C GLN A 72 27.94 10.15 12.05
N ASP A 73 27.18 10.90 12.82
CA ASP A 73 26.47 12.06 12.29
C ASP A 73 26.24 13.03 13.45
N GLU A 74 26.32 14.33 13.16
CA GLU A 74 26.14 15.38 14.17
C GLU A 74 24.76 15.39 14.84
N HIS A 75 23.73 15.03 14.08
CA HIS A 75 22.36 15.10 14.55
C HIS A 75 22.00 14.07 15.62
N ARG A 76 21.02 14.41 16.45
CA ARG A 76 20.59 13.54 17.53
C ARG A 76 20.09 12.19 17.00
N GLY A 77 20.47 11.13 17.71
CA GLY A 77 20.07 9.77 17.36
C GLY A 77 21.28 8.92 17.02
N THR A 78 20.99 7.69 16.61
CA THR A 78 22.00 6.71 16.22
C THR A 78 21.86 6.49 14.72
N HIS A 79 22.98 6.49 14.00
CA HIS A 79 22.96 6.56 12.54
C HIS A 79 23.54 5.33 11.87
N TRP A 80 22.95 4.97 10.74
CA TRP A 80 23.26 3.73 10.06
C TRP A 80 23.30 3.94 8.55
N ASN A 81 24.29 3.35 7.90
CA ASN A 81 24.34 3.36 6.45
C ASN A 81 23.72 2.08 5.90
N MET A 82 22.92 2.19 4.85
CA MET A 82 22.42 1.00 4.20
C MET A 82 22.54 1.14 2.70
N THR A 83 23.05 0.09 2.06
CA THR A 83 22.98 0.00 0.62
C THR A 83 21.55 -0.24 0.25
N VAL A 84 21.13 0.27 -0.90
CA VAL A 84 19.79 0.00 -1.41
C VAL A 84 19.85 -0.71 -2.76
N THR A 85 18.92 -1.63 -2.94
CA THR A 85 18.75 -2.33 -4.21
C THR A 85 17.49 -1.82 -4.88
N ASN A 86 17.14 -2.39 -6.02
CA ASN A 86 15.80 -2.19 -6.54
C ASN A 86 14.82 -2.81 -5.56
N LEU A 87 13.57 -2.38 -5.60
CA LEU A 87 12.58 -2.93 -4.67
C LEU A 87 12.37 -4.43 -4.87
N ASN A 88 12.65 -4.93 -6.08
CA ASN A 88 12.49 -6.36 -6.35
C ASN A 88 13.70 -7.18 -5.93
N GLY A 89 14.67 -6.53 -5.32
CA GLY A 89 15.82 -7.24 -4.77
C GLY A 89 17.02 -7.31 -5.69
N THR A 90 16.82 -7.00 -6.97
CA THR A 90 17.92 -6.98 -7.92
C THR A 90 18.82 -5.77 -7.67
N PRO A 91 20.12 -5.87 -8.01
CA PRO A 91 21.02 -4.75 -7.78
C PRO A 91 20.59 -3.51 -8.54
N PHE A 92 20.64 -2.35 -7.89
CA PHE A 92 20.35 -1.11 -8.58
C PHE A 92 21.53 -0.73 -9.46
N ASP A 93 21.25 -0.51 -10.74
CA ASP A 93 22.25 -0.10 -11.71
C ASP A 93 22.16 1.41 -11.91
N PRO A 94 23.16 2.15 -11.42
CA PRO A 94 23.16 3.62 -11.51
C PRO A 94 23.19 4.14 -12.94
N THR A 95 23.53 3.29 -13.91
CA THR A 95 23.60 3.72 -15.30
C THR A 95 22.23 3.69 -15.97
N GLU A 96 21.24 3.15 -15.29
CA GLU A 96 19.88 3.11 -15.81
C GLU A 96 19.31 4.54 -15.87
N ASP A 97 18.45 4.79 -16.86
CA ASP A 97 17.91 6.13 -17.09
C ASP A 97 16.76 6.47 -16.16
N VAL A 98 17.02 6.43 -14.86
CA VAL A 98 16.05 6.84 -13.84
C VAL A 98 16.75 7.78 -12.86
N PRO A 99 15.98 8.62 -12.15
CA PRO A 99 16.64 9.54 -11.20
C PRO A 99 17.26 8.87 -9.99
N ALA A 100 16.74 7.68 -9.64
CA ALA A 100 17.01 6.99 -8.39
C ALA A 100 16.24 5.67 -8.48
N PRO A 101 16.50 4.73 -7.55
CA PRO A 101 15.68 3.50 -7.55
C PRO A 101 14.20 3.85 -7.51
N LEU A 102 13.38 3.12 -8.26
CA LEU A 102 11.97 3.43 -8.27
C LEU A 102 11.43 3.29 -6.85
N GLY A 103 10.54 4.21 -6.49
CA GLY A 103 9.96 4.26 -5.17
C GLY A 103 10.64 5.24 -4.22
N THR A 104 11.87 5.64 -4.54
CA THR A 104 12.61 6.63 -3.74
C THR A 104 11.74 7.85 -3.43
N PRO A 105 11.74 8.34 -2.17
CA PRO A 105 11.00 9.58 -1.88
C PRO A 105 11.36 10.72 -2.83
N ASP A 106 10.38 11.56 -3.15
CA ASP A 106 10.61 12.65 -4.10
C ASP A 106 10.46 14.03 -3.46
N PHE A 107 10.65 14.11 -2.15
CA PHE A 107 10.56 15.39 -1.47
C PHE A 107 11.55 15.49 -0.34
N SER A 108 11.86 16.73 0.04
CA SER A 108 12.70 17.06 1.16
C SER A 108 11.95 16.92 2.47
N GLY A 109 12.54 16.21 3.42
CA GLY A 109 11.97 16.12 4.76
C GLY A 109 12.56 14.98 5.56
N GLN A 110 12.04 14.81 6.76
CA GLN A 110 12.43 13.72 7.64
C GLN A 110 11.37 12.66 7.57
N ILE A 111 11.62 11.60 6.79
CA ILE A 111 10.60 10.58 6.61
C ILE A 111 10.72 9.56 7.73
N TYR A 112 9.63 9.39 8.46
CA TYR A 112 9.56 8.51 9.62
C TYR A 112 8.95 7.17 9.22
N GLY A 113 9.53 6.08 9.71
CA GLY A 113 8.99 4.78 9.40
C GLY A 113 9.64 3.72 10.27
N VAL A 114 9.63 2.48 9.80
CA VAL A 114 10.21 1.37 10.55
C VAL A 114 11.21 0.66 9.68
N ILE A 115 12.41 0.48 10.22
CA ILE A 115 13.40 -0.41 9.63
C ILE A 115 13.21 -1.80 10.23
N SER A 116 13.11 -2.82 9.39
CA SER A 116 13.04 -4.20 9.88
C SER A 116 14.09 -5.03 9.18
N GLN A 117 14.53 -6.08 9.88
CA GLN A 117 15.53 -7.00 9.36
C GLN A 117 15.15 -8.44 9.63
N ARG A 118 15.42 -9.28 8.65
CA ARG A 118 15.34 -10.72 8.80
C ARG A 118 16.69 -11.28 8.38
N ASN A 119 17.40 -11.91 9.30
CA ASN A 119 18.76 -12.32 9.01
C ASN A 119 18.83 -13.39 7.94
N THR A 120 19.95 -13.41 7.22
CA THR A 120 20.19 -14.42 6.19
C THR A 120 20.53 -15.75 6.83
N ASN A 121 21.37 -15.70 7.86
CA ASN A 121 21.80 -16.90 8.57
C ASN A 121 20.71 -17.38 9.53
N THR A 122 20.51 -18.68 9.58
CA THR A 122 19.54 -19.27 10.49
C THR A 122 20.28 -19.89 11.66
N VAL A 123 19.56 -20.19 12.73
CA VAL A 123 20.21 -20.76 13.91
C VAL A 123 19.61 -22.13 14.28
N PRO A 124 20.48 -23.15 14.38
CA PRO A 124 20.07 -24.51 14.70
C PRO A 124 19.31 -24.61 16.01
N GLY A 125 19.67 -23.78 16.98
CA GLY A 125 19.02 -23.79 18.28
C GLY A 125 17.58 -23.28 18.25
N GLU A 126 17.18 -22.69 17.13
CA GLU A 126 15.81 -22.18 16.99
C GLU A 126 15.11 -22.73 15.76
N GLY A 127 15.28 -24.03 15.52
CA GLY A 127 14.61 -24.70 14.43
C GLY A 127 15.03 -24.23 13.04
N ASN A 128 16.28 -23.80 12.93
CA ASN A 128 16.83 -23.28 11.67
C ASN A 128 16.02 -22.08 11.16
N LEU A 129 15.72 -21.18 12.08
CA LEU A 129 14.97 -19.95 11.77
C LEU A 129 15.84 -18.75 12.03
N PRO A 130 15.68 -17.69 11.22
CA PRO A 130 16.50 -16.49 11.38
C PRO A 130 16.03 -15.57 12.50
N ALA A 131 16.97 -14.81 13.06
CA ALA A 131 16.67 -13.76 14.00
C ALA A 131 16.13 -12.49 13.29
N ASN A 132 15.28 -11.75 13.99
CA ASN A 132 14.60 -10.57 13.44
C ASN A 132 14.66 -9.39 14.37
N ARG A 133 14.61 -8.18 13.82
CA ARG A 133 14.38 -7.00 14.63
C ARG A 133 13.76 -5.90 13.80
N ALA A 134 13.04 -5.02 14.49
CA ALA A 134 12.51 -3.82 13.84
C ALA A 134 12.57 -2.66 14.81
N HIS A 135 12.85 -1.47 14.29
CA HIS A 135 12.87 -0.24 15.09
C HIS A 135 12.40 0.95 14.28
N GLU A 136 11.85 1.95 14.97
CA GLU A 136 11.53 3.21 14.32
C GLU A 136 12.77 3.85 13.73
N ALA A 137 12.62 4.50 12.59
CA ALA A 137 13.75 5.11 11.91
C ALA A 137 13.32 6.37 11.19
N VAL A 138 14.29 7.24 10.93
CA VAL A 138 14.07 8.46 10.18
C VAL A 138 15.07 8.56 9.05
N ILE A 139 14.59 8.90 7.86
CA ILE A 139 15.47 9.16 6.73
C ILE A 139 15.34 10.63 6.35
N ALA A 140 16.43 11.38 6.53
CA ALA A 140 16.47 12.79 6.15
C ALA A 140 16.86 12.90 4.69
N THR A 141 15.90 13.18 3.83
CA THR A 141 16.15 13.11 2.39
C THR A 141 16.95 14.31 1.90
N TYR A 142 17.08 15.33 2.74
CA TYR A 142 17.86 16.53 2.43
C TYR A 142 19.32 16.39 2.84
N SER A 143 19.64 15.30 3.54
CA SER A 143 21.00 15.07 4.05
C SER A 143 21.99 14.80 2.91
N PRO A 144 23.24 15.27 3.06
CA PRO A 144 24.26 14.90 2.08
C PRO A 144 24.52 13.39 2.02
N LYS A 145 24.04 12.65 3.03
CA LYS A 145 24.20 11.21 3.06
C LYS A 145 23.03 10.47 2.39
N PHE A 146 22.03 11.21 1.93
CA PHE A 146 20.94 10.62 1.16
C PHE A 146 21.36 10.54 -0.30
N THR A 147 21.92 9.41 -0.70
CA THR A 147 22.42 9.27 -2.06
C THR A 147 21.89 7.99 -2.74
N PRO A 148 20.57 7.85 -2.83
CA PRO A 148 20.00 6.62 -3.36
C PRO A 148 20.44 6.32 -4.80
N LYS A 149 20.70 7.33 -5.62
CA LYS A 149 21.16 7.11 -6.99
C LYS A 149 22.57 6.51 -7.00
N LEU A 150 23.34 6.73 -5.92
CA LEU A 150 24.63 6.06 -5.76
C LEU A 150 24.52 4.69 -5.10
N GLY A 151 23.31 4.30 -4.71
CA GLY A 151 23.11 2.98 -4.14
C GLY A 151 23.18 2.89 -2.62
N ASN A 152 23.18 4.01 -1.90
CA ASN A 152 23.14 3.93 -0.44
C ASN A 152 22.56 5.18 0.19
N ILE A 153 21.94 4.97 1.35
CA ILE A 153 21.34 6.05 2.12
C ILE A 153 21.67 5.88 3.59
N GLN A 154 21.31 6.87 4.38
CA GLN A 154 21.55 6.81 5.82
C GLN A 154 20.24 7.00 6.55
N PHE A 155 20.01 6.21 7.61
CA PHE A 155 18.84 6.44 8.45
C PHE A 155 19.27 6.55 9.90
N SER A 156 18.45 7.22 10.71
CA SER A 156 18.71 7.29 12.14
C SER A 156 17.65 6.54 12.93
N THR A 157 18.02 6.09 14.14
CA THR A 157 17.10 5.40 15.02
C THR A 157 17.18 6.03 16.41
N TRP A 158 16.13 5.85 17.20
CA TRP A 158 16.19 6.09 18.63
C TRP A 158 16.95 4.95 19.30
N GLU A 159 16.71 3.73 18.84
CA GLU A 159 17.44 2.54 19.29
C GLU A 159 18.94 2.73 19.10
N THR A 160 19.73 2.43 20.13
CA THR A 160 21.16 2.74 20.06
C THR A 160 22.05 1.59 19.59
N GLN A 161 21.52 0.38 19.60
CA GLN A 161 22.38 -0.79 19.43
C GLN A 161 21.87 -1.85 18.45
N ASP A 162 20.58 -2.13 18.52
CA ASP A 162 20.00 -3.35 17.96
C ASP A 162 19.61 -3.24 16.48
N VAL A 163 20.58 -2.86 15.65
CA VAL A 163 20.48 -2.90 14.19
C VAL A 163 21.69 -3.68 13.70
N SER A 164 21.49 -4.71 12.90
CA SER A 164 22.57 -5.62 12.53
C SER A 164 23.21 -5.28 11.20
N SER A 165 24.54 -5.32 11.14
CA SER A 165 25.24 -5.09 9.90
C SER A 165 25.19 -6.31 9.00
N GLY A 166 25.14 -6.06 7.69
CA GLY A 166 25.19 -7.11 6.70
C GLY A 166 23.92 -7.92 6.56
N GLN A 167 22.82 -7.44 7.12
CA GLN A 167 21.58 -8.21 7.08
C GLN A 167 20.51 -7.53 6.24
N PRO A 168 19.69 -8.34 5.57
CA PRO A 168 18.59 -7.79 4.75
C PRO A 168 17.69 -6.86 5.54
N THR A 169 17.46 -5.69 4.96
CA THR A 169 16.82 -4.59 5.64
C THR A 169 15.72 -3.96 4.77
N LYS A 170 14.59 -3.67 5.38
CA LYS A 170 13.42 -3.08 4.75
C LYS A 170 13.07 -1.79 5.48
N PHE A 171 12.76 -0.73 4.73
CA PHE A 171 12.16 0.48 5.30
C PHE A 171 10.70 0.57 4.91
N THR A 172 9.82 0.56 5.90
CA THR A 172 8.38 0.79 5.74
C THR A 172 8.06 2.22 6.16
N PRO A 173 7.64 3.06 5.20
CA PRO A 173 7.34 4.46 5.56
C PRO A 173 6.05 4.58 6.37
N VAL A 174 6.00 5.54 7.30
CA VAL A 174 4.78 5.76 8.09
C VAL A 174 4.33 7.22 8.04
N GLY A 175 5.25 8.17 8.12
CA GLY A 175 4.87 9.57 8.07
C GLY A 175 6.12 10.44 8.05
N LEU A 176 6.02 11.59 8.72
CA LEU A 176 7.17 12.49 8.89
C LEU A 176 7.60 12.52 10.34
N ALA A 177 8.88 12.75 10.61
CA ALA A 177 9.35 12.83 11.99
C ALA A 177 8.95 14.15 12.64
N SER A 178 8.98 15.22 11.84
CA SER A 178 8.78 16.58 12.31
C SER A 178 8.51 17.45 11.10
N VAL A 179 7.84 18.58 11.29
CA VAL A 179 7.82 19.62 10.26
C VAL A 179 8.25 20.96 10.85
N ASP A 180 9.07 20.95 11.91
CA ASP A 180 9.57 22.22 12.42
CA ASP A 180 9.58 22.22 12.42
C ASP A 180 10.63 22.76 11.45
N ALA A 181 11.09 23.99 11.71
CA ALA A 181 12.02 24.66 10.81
C ALA A 181 13.26 23.83 10.45
N ASN A 182 13.81 23.14 11.44
CA ASN A 182 15.04 22.38 11.22
C ASN A 182 14.83 21.01 10.58
N SER A 183 13.60 20.68 10.22
CA SER A 183 13.34 19.39 9.58
C SER A 183 13.14 19.51 8.07
N HIS A 184 13.17 20.74 7.55
CA HIS A 184 13.23 21.00 6.12
C HIS A 184 12.20 20.23 5.30
N PHE A 185 10.96 20.26 5.74
CA PHE A 185 9.90 19.65 4.97
C PHE A 185 9.45 20.60 3.87
N ASP A 186 9.60 20.15 2.63
CA ASP A 186 9.09 20.90 1.48
C ASP A 186 8.74 19.90 0.40
N GLN A 187 7.46 19.72 0.19
CA GLN A 187 7.00 18.66 -0.68
C GLN A 187 7.37 18.87 -2.14
N TRP A 188 7.75 20.10 -2.53
CA TRP A 188 8.10 20.36 -3.92
C TRP A 188 9.61 20.48 -4.15
N THR A 189 10.41 20.35 -3.08
CA THR A 189 11.85 20.33 -3.24
C THR A 189 12.35 18.90 -3.40
N LEU A 190 12.93 18.59 -4.55
CA LEU A 190 13.45 17.25 -4.78
C LEU A 190 14.69 17.01 -3.94
N PRO A 191 14.87 15.77 -3.48
CA PRO A 191 16.17 15.43 -2.90
C PRO A 191 17.24 15.52 -3.97
N SER A 192 18.48 15.68 -3.55
CA SER A 192 19.61 15.52 -4.44
CA SER A 192 19.61 15.51 -4.45
C SER A 192 19.98 14.04 -4.47
N TYR A 193 19.49 13.32 -5.46
CA TYR A 193 19.60 11.86 -5.43
C TYR A 193 21.02 11.30 -5.40
N SER A 194 21.99 12.06 -5.92
CA SER A 194 23.37 11.60 -5.88
C SER A 194 24.25 12.40 -4.93
N GLY A 195 23.70 13.36 -4.21
N GLY A 195 23.62 13.24 -4.12
CA GLY A 195 24.50 14.08 -3.24
CA GLY A 195 24.34 13.96 -3.08
C GLY A 195 25.56 14.90 -3.96
C GLY A 195 24.34 15.46 -3.26
N ALA A 196 26.58 15.32 -3.22
N ALA A 196 24.91 16.15 -2.27
CA ALA A 196 27.75 16.01 -3.76
CA ALA A 196 25.02 17.59 -2.29
C ALA A 196 27.47 17.17 -4.71
C ALA A 196 25.73 18.04 -3.55
N LEU A 197 26.42 17.94 -4.42
N LEU A 197 25.12 19.01 -4.21
CA LEU A 197 26.15 19.20 -5.10
CA LEU A 197 25.69 19.74 -5.35
C LEU A 197 25.82 18.92 -6.56
C LEU A 197 25.75 18.98 -6.69
N THR A 198 25.20 17.77 -6.80
CA THR A 198 24.98 17.25 -8.14
C THR A 198 23.59 17.53 -8.69
N LEU A 199 23.51 17.57 -10.02
CA LEU A 199 22.25 17.79 -10.70
C LEU A 199 21.52 16.47 -10.86
N ASN A 200 20.26 16.44 -10.43
CA ASN A 200 19.39 15.29 -10.70
C ASN A 200 19.21 15.12 -12.20
N MET A 201 19.06 13.88 -12.65
CA MET A 201 18.83 13.62 -14.07
C MET A 201 17.68 12.64 -14.28
N ASN A 202 17.24 12.51 -15.53
CA ASN A 202 16.18 11.59 -15.93
C ASN A 202 14.86 11.91 -15.25
N LEU A 203 14.64 13.18 -14.95
CA LEU A 203 13.43 13.60 -14.25
C LEU A 203 12.19 13.60 -15.11
N ALA A 204 11.06 13.22 -14.51
CA ALA A 204 9.77 13.56 -15.07
C ALA A 204 9.70 15.09 -15.14
N PRO A 205 9.06 15.62 -16.20
CA PRO A 205 9.05 17.07 -16.39
C PRO A 205 8.20 17.82 -15.37
N SER A 206 8.50 19.10 -15.20
CA SER A 206 7.64 19.95 -14.38
C SER A 206 6.26 20.10 -15.01
N VAL A 207 5.28 20.42 -14.19
CA VAL A 207 3.92 20.58 -14.67
C VAL A 207 3.36 21.93 -14.26
N ALA A 208 2.51 22.50 -15.11
CA ALA A 208 1.94 23.81 -14.86
C ALA A 208 0.77 24.02 -15.82
N PRO A 209 -0.18 24.88 -15.42
CA PRO A 209 -1.24 25.26 -16.36
C PRO A 209 -0.66 26.15 -17.46
N VAL A 210 -1.27 26.16 -18.63
CA VAL A 210 -0.79 27.00 -19.71
C VAL A 210 -1.85 28.03 -20.08
N PHE A 211 -3.07 27.78 -19.64
CA PHE A 211 -4.23 28.63 -19.89
C PHE A 211 -4.43 29.61 -18.75
N PRO A 212 -4.69 30.90 -19.06
CA PRO A 212 -4.95 31.89 -18.02
C PRO A 212 -6.19 31.55 -17.18
N GLY A 213 -6.10 31.74 -15.87
CA GLY A 213 -7.21 31.43 -14.98
C GLY A 213 -7.24 29.98 -14.52
N GLU A 214 -6.34 29.16 -15.05
CA GLU A 214 -6.27 27.76 -14.65
C GLU A 214 -5.19 27.54 -13.61
N CYS A 215 -5.41 26.54 -12.76
CA CYS A 215 -4.44 26.11 -11.75
C CYS A 215 -4.40 24.59 -11.69
N LEU A 216 -3.32 24.07 -11.14
CA LEU A 216 -3.21 22.62 -10.92
C LEU A 216 -4.26 22.15 -9.93
N LEU A 217 -4.76 20.94 -10.15
CA LEU A 217 -5.64 20.28 -9.21
C LEU A 217 -4.91 19.06 -8.65
N PHE A 218 -4.85 18.96 -7.32
CA PHE A 218 -4.12 17.90 -6.64
C PHE A 218 -5.04 16.95 -5.90
N PHE A 219 -4.56 15.72 -5.74
CA PHE A 219 -5.15 14.76 -4.81
C PHE A 219 -4.36 14.83 -3.50
N ARG A 220 -4.99 15.33 -2.45
CA ARG A 220 -4.27 15.64 -1.22
C ARG A 220 -4.48 14.60 -0.12
N SER A 221 -3.38 14.23 0.55
CA SER A 221 -3.43 13.38 1.73
C SER A 221 -2.73 14.03 2.92
N PHE A 222 -3.29 13.88 4.10
CA PHE A 222 -2.59 14.33 5.29
C PHE A 222 -1.69 13.22 5.83
N ILE A 223 -0.46 13.60 6.17
CA ILE A 223 0.56 12.61 6.52
C ILE A 223 0.83 12.63 8.02
N PRO A 224 0.94 11.43 8.66
CA PRO A 224 1.16 11.39 10.12
C PRO A 224 2.48 12.02 10.56
N LEU A 225 2.51 12.43 11.82
CA LEU A 225 3.71 12.98 12.44
C LEU A 225 4.12 12.19 13.67
N LYS A 226 5.40 11.92 13.81
CA LYS A 226 5.94 11.31 15.02
C LYS A 226 5.80 12.24 16.23
N GLY A 227 5.93 13.55 16.02
CA GLY A 227 5.83 14.50 17.11
C GLY A 227 5.79 15.92 16.63
N GLY A 228 5.54 16.82 17.57
CA GLY A 228 5.54 18.23 17.25
C GLY A 228 4.22 18.74 16.74
N TYR A 229 4.20 20.01 16.42
CA TYR A 229 3.01 20.65 15.91
C TYR A 229 2.98 20.58 14.38
N GLY A 230 1.79 20.47 13.82
CA GLY A 230 1.64 20.50 12.38
C GLY A 230 0.48 19.69 11.85
N ASN A 231 0.07 20.01 10.62
CA ASN A 231 -0.92 19.22 9.89
C ASN A 231 -0.43 19.05 8.46
N PRO A 232 0.73 18.40 8.28
CA PRO A 232 1.31 18.32 6.94
C PRO A 232 0.50 17.50 5.97
N ALA A 233 0.62 17.88 4.70
CA ALA A 233 -0.07 17.23 3.61
C ALA A 233 0.88 16.93 2.46
N ILE A 234 0.52 15.91 1.68
CA ILE A 234 1.25 15.52 0.47
CA ILE A 234 1.26 15.66 0.45
C ILE A 234 0.27 15.54 -0.71
N ASP A 235 0.59 16.30 -1.75
CA ASP A 235 -0.27 16.46 -2.92
C ASP A 235 0.25 15.67 -4.10
N CYS A 236 -0.57 14.79 -4.68
CA CYS A 236 -0.09 14.08 -5.87
C CYS A 236 -0.89 14.52 -7.08
N LEU A 237 -0.31 14.32 -8.25
CA LEU A 237 -0.91 14.76 -9.52
C LEU A 237 -2.01 13.81 -9.96
N MET A 238 -1.81 12.53 -9.69
CA MET A 238 -2.80 11.50 -9.97
C MET A 238 -2.65 10.45 -8.90
N PRO A 239 -3.77 9.84 -8.48
CA PRO A 239 -3.66 8.79 -7.46
C PRO A 239 -2.99 7.53 -8.00
N GLN A 240 -2.50 6.68 -7.10
CA GLN A 240 -1.78 5.49 -7.52
C GLN A 240 -2.65 4.60 -8.42
N GLU A 241 -3.96 4.56 -8.17
CA GLU A 241 -4.86 3.72 -8.97
C GLU A 241 -4.95 4.21 -10.41
N TRP A 242 -4.81 5.51 -10.62
CA TRP A 242 -4.77 6.02 -12.00
C TRP A 242 -3.48 5.61 -12.68
N VAL A 243 -2.35 5.72 -11.98
CA VAL A 243 -1.08 5.22 -12.52
C VAL A 243 -1.23 3.77 -12.95
N GLN A 244 -1.81 2.95 -12.06
CA GLN A 244 -1.97 1.54 -12.34
C GLN A 244 -2.89 1.29 -13.55
N HIS A 245 -3.97 2.07 -13.63
CA HIS A 245 -4.93 1.93 -14.71
C HIS A 245 -4.34 2.32 -16.06
N LEU A 246 -3.72 3.49 -16.11
CA LEU A 246 -3.12 4.00 -17.33
C LEU A 246 -2.05 3.04 -17.85
N TYR A 247 -1.24 2.52 -16.93
CA TYR A 247 -0.23 1.55 -17.29
C TYR A 247 -0.85 0.30 -17.94
N GLN A 248 -1.92 -0.21 -17.34
CA GLN A 248 -2.62 -1.38 -17.88
C GLN A 248 -3.18 -1.10 -19.27
N GLU A 249 -3.88 0.02 -19.39
CA GLU A 249 -4.65 0.30 -20.60
C GLU A 249 -3.77 0.70 -21.78
N SER A 250 -2.81 1.58 -21.52
CA SER A 250 -1.93 2.12 -22.56
C SER A 250 -2.73 2.58 -23.77
N ALA A 251 -3.80 3.33 -23.52
CA ALA A 251 -4.64 3.81 -24.61
C ALA A 251 -3.95 4.98 -25.30
N PRO A 252 -3.94 4.99 -26.64
CA PRO A 252 -3.30 6.09 -27.33
C PRO A 252 -3.91 7.44 -26.99
N SER A 253 -3.06 8.45 -26.77
CA SER A 253 -3.53 9.80 -26.51
C SER A 253 -3.84 10.48 -27.83
N LEU A 254 -5.10 10.88 -28.02
CA LEU A 254 -5.52 11.41 -29.31
C LEU A 254 -5.35 12.93 -29.42
N SER A 255 -4.99 13.57 -28.31
CA SER A 255 -4.56 14.96 -28.29
C SER A 255 -3.72 15.19 -27.06
N ASP A 256 -3.32 16.43 -26.80
CA ASP A 256 -2.49 16.73 -25.65
C ASP A 256 -3.30 16.93 -24.37
N VAL A 257 -4.62 17.01 -24.50
CA VAL A 257 -5.51 17.30 -23.37
C VAL A 257 -6.83 16.56 -23.46
N ALA A 258 -7.17 15.80 -22.42
CA ALA A 258 -8.49 15.20 -22.32
C ALA A 258 -9.39 16.05 -21.44
N LEU A 259 -10.61 16.29 -21.89
CA LEU A 259 -11.61 16.93 -21.05
C LEU A 259 -12.24 15.87 -20.17
N VAL A 260 -12.22 16.10 -18.86
CA VAL A 260 -12.83 15.17 -17.93
C VAL A 260 -13.85 15.91 -17.07
N ARG A 261 -14.85 15.17 -16.61
CA ARG A 261 -15.90 15.73 -15.77
C ARG A 261 -15.93 15.00 -14.43
N TYR A 262 -16.03 15.76 -13.35
CA TYR A 262 -16.21 15.20 -12.03
C TYR A 262 -17.70 15.09 -11.84
N VAL A 263 -18.20 13.86 -11.78
N VAL A 263 -18.20 13.86 -11.76
CA VAL A 263 -19.64 13.62 -11.85
CA VAL A 263 -19.65 13.66 -11.81
C VAL A 263 -20.23 13.07 -10.54
C VAL A 263 -20.21 13.10 -10.52
N ASN A 264 -21.46 13.48 -10.22
CA ASN A 264 -22.22 12.87 -9.16
C ASN A 264 -23.09 11.81 -9.80
N PRO A 265 -22.72 10.53 -9.61
CA PRO A 265 -23.38 9.38 -10.27
C PRO A 265 -24.86 9.28 -9.91
N GLU A 266 -25.23 9.73 -8.71
CA GLU A 266 -26.62 9.71 -8.28
C GLU A 266 -27.46 10.62 -9.17
N THR A 267 -27.10 11.90 -9.22
CA THR A 267 -27.81 12.86 -10.04
C THR A 267 -27.43 12.78 -11.51
N GLY A 268 -26.20 12.35 -11.78
CA GLY A 268 -25.68 12.33 -13.14
C GLY A 268 -25.10 13.69 -13.52
N ARG A 269 -25.23 14.65 -12.61
CA ARG A 269 -24.80 16.01 -12.87
C ARG A 269 -23.28 16.17 -12.73
N THR A 270 -22.72 17.02 -13.58
CA THR A 270 -21.31 17.36 -13.52
C THR A 270 -21.07 18.40 -12.43
N LEU A 271 -20.17 18.11 -11.50
CA LEU A 271 -19.86 19.04 -10.42
C LEU A 271 -18.88 20.10 -10.87
N PHE A 272 -17.91 19.68 -11.68
CA PHE A 272 -17.00 20.61 -12.34
C PHE A 272 -16.27 19.86 -13.45
N GLU A 273 -15.61 20.60 -14.32
CA GLU A 273 -14.82 19.94 -15.35
C GLU A 273 -13.35 20.33 -15.21
N ALA A 274 -12.49 19.50 -15.78
CA ALA A 274 -11.05 19.71 -15.68
C ALA A 274 -10.37 19.26 -16.95
N LYS A 275 -9.13 19.75 -17.13
CA LYS A 275 -8.25 19.25 -18.18
C LYS A 275 -7.31 18.22 -17.62
N LEU A 276 -7.28 17.04 -18.25
CA LEU A 276 -6.31 16.01 -17.92
C LEU A 276 -5.27 15.99 -19.01
N HIS A 277 -4.07 16.48 -18.68
CA HIS A 277 -3.02 16.69 -19.65
C HIS A 277 -2.26 15.40 -19.95
N ARG A 278 -1.73 15.31 -21.16
CA ARG A 278 -1.01 14.15 -21.66
C ARG A 278 0.09 13.67 -20.70
N ASN A 279 0.83 14.60 -20.08
CA ASN A 279 1.92 14.21 -19.19
C ASN A 279 1.43 13.65 -17.85
N GLY A 280 0.13 13.75 -17.58
CA GLY A 280 -0.46 13.12 -16.41
C GLY A 280 -0.70 14.04 -15.24
N PHE A 281 -1.49 15.09 -15.45
CA PHE A 281 -1.86 15.99 -14.38
C PHE A 281 -3.12 16.75 -14.77
N LEU A 282 -3.76 17.33 -13.78
CA LEU A 282 -5.04 18.03 -13.94
C LEU A 282 -4.93 19.54 -13.74
N THR A 283 -5.69 20.28 -14.55
CA THR A 283 -5.93 21.70 -14.24
C THR A 283 -7.43 22.00 -14.24
N VAL A 284 -7.79 23.03 -13.49
CA VAL A 284 -9.17 23.50 -13.40
C VAL A 284 -9.17 25.01 -13.49
N ALA A 285 -10.33 25.59 -13.83
CA ALA A 285 -10.48 27.05 -13.78
C ALA A 285 -10.97 27.46 -12.40
N ARG A 286 -10.02 27.83 -11.53
CA ARG A 286 -10.33 28.23 -10.17
C ARG A 286 -9.36 29.30 -9.74
N ASN A 287 -9.83 30.29 -8.99
CA ASN A 287 -8.94 31.37 -8.56
C ASN A 287 -8.74 31.41 -7.04
N SER A 288 -8.85 30.27 -6.39
CA SER A 288 -8.67 30.20 -4.95
C SER A 288 -7.85 28.99 -4.54
N ALA A 289 -7.28 29.05 -3.35
CA ALA A 289 -6.57 27.92 -2.77
C ALA A 289 -7.45 27.23 -1.74
N GLY A 290 -7.22 25.93 -1.57
CA GLY A 290 -7.93 25.19 -0.55
C GLY A 290 -8.62 23.96 -1.08
N PRO A 291 -9.33 23.26 -0.19
CA PRO A 291 -10.03 22.03 -0.59
C PRO A 291 -11.15 22.30 -1.57
N VAL A 292 -11.43 21.29 -2.38
CA VAL A 292 -12.62 21.23 -3.21
C VAL A 292 -13.69 20.48 -2.45
N VAL A 293 -14.73 21.18 -2.02
CA VAL A 293 -15.79 20.59 -1.21
C VAL A 293 -16.81 19.93 -2.14
N ALA A 294 -16.74 18.62 -2.28
CA ALA A 294 -17.60 17.92 -3.24
C ALA A 294 -18.26 16.70 -2.60
N PRO A 295 -19.42 16.27 -3.14
CA PRO A 295 -20.06 15.06 -2.64
C PRO A 295 -19.09 13.87 -2.63
N THR A 296 -19.22 13.03 -1.62
CA THR A 296 -18.34 11.88 -1.43
C THR A 296 -18.41 10.86 -2.57
N ASN A 297 -19.53 10.84 -3.30
CA ASN A 297 -19.73 9.82 -4.32
C ASN A 297 -19.15 10.20 -5.70
N GLY A 298 -18.51 11.36 -5.77
CA GLY A 298 -18.01 11.87 -7.04
C GLY A 298 -16.75 11.23 -7.60
N TYR A 299 -16.62 11.21 -8.93
CA TYR A 299 -15.42 10.71 -9.57
C TYR A 299 -15.27 11.30 -10.96
N PHE A 300 -14.05 11.27 -11.50
CA PHE A 300 -13.78 11.80 -12.84
C PHE A 300 -14.17 10.81 -13.93
N ARG A 301 -14.76 11.34 -14.98
CA ARG A 301 -15.16 10.57 -16.15
C ARG A 301 -14.58 11.24 -17.39
N PHE A 302 -13.99 10.44 -18.28
CA PHE A 302 -13.48 10.98 -19.55
C PHE A 302 -14.62 11.45 -20.43
N ASP A 303 -14.49 12.65 -20.99
CA ASP A 303 -15.52 13.20 -21.87
C ASP A 303 -15.08 13.13 -23.32
N SER A 304 -13.95 13.77 -23.62
CA SER A 304 -13.47 13.90 -24.99
C SER A 304 -12.05 14.44 -25.04
N TRP A 305 -11.38 14.22 -26.16
CA TRP A 305 -10.09 14.85 -26.40
C TRP A 305 -10.31 16.26 -26.94
N VAL A 306 -9.68 17.25 -26.31
CA VAL A 306 -9.78 18.63 -26.75
C VAL A 306 -8.38 19.16 -27.02
N ASN A 307 -8.19 20.48 -26.98
CA ASN A 307 -6.83 21.00 -27.12
C ASN A 307 -6.55 22.04 -26.06
N GLN A 308 -5.34 22.61 -26.10
CA GLN A 308 -4.91 23.52 -25.05
C GLN A 308 -5.71 24.82 -25.00
N PHE A 309 -6.47 25.10 -26.06
CA PHE A 309 -7.24 26.34 -26.15
C PHE A 309 -8.67 26.21 -25.63
N TYR A 310 -9.05 25.00 -25.24
CA TYR A 310 -10.39 24.76 -24.71
C TYR A 310 -10.59 25.55 -23.42
N THR A 311 -11.74 26.22 -23.30
CA THR A 311 -12.04 27.01 -22.12
C THR A 311 -12.90 26.21 -21.16
N LEU A 312 -12.36 25.94 -19.98
CA LEU A 312 -13.09 25.19 -18.95
C LEU A 312 -14.17 26.06 -18.30
N ALA A 313 -15.30 25.45 -18.00
CA ALA A 313 -16.29 26.12 -17.16
C ALA A 313 -15.67 26.38 -15.80
N PRO A 314 -15.81 27.61 -15.28
CA PRO A 314 -15.29 27.95 -13.95
C PRO A 314 -15.84 26.98 -12.89
N MET A 315 -14.98 26.54 -11.98
CA MET A 315 -15.41 25.65 -10.92
CA MET A 315 -15.39 25.64 -10.91
C MET A 315 -16.44 26.30 -10.02
N SER B 1 -21.94 -10.09 -23.73
CA SER B 1 -21.38 -10.40 -22.42
C SER B 1 -19.96 -9.88 -22.29
N LYS B 2 -19.76 -8.97 -21.34
CA LYS B 2 -18.45 -8.35 -21.10
C LYS B 2 -17.40 -9.41 -20.77
N PRO B 3 -16.39 -9.55 -21.63
CA PRO B 3 -15.37 -10.59 -21.47
C PRO B 3 -14.60 -10.49 -20.15
N PHE B 4 -14.45 -11.62 -19.46
CA PHE B 4 -13.65 -11.67 -18.25
C PHE B 4 -12.17 -11.46 -18.55
N THR B 5 -11.49 -10.67 -17.71
CA THR B 5 -10.06 -10.42 -17.86
C THR B 5 -9.36 -10.36 -16.50
N LEU B 6 -8.05 -10.63 -16.53
CA LEU B 6 -7.17 -10.39 -15.39
C LEU B 6 -6.22 -9.26 -15.77
N PRO B 7 -5.71 -8.51 -14.78
CA PRO B 7 -4.70 -7.52 -15.17
C PRO B 7 -3.40 -8.16 -15.61
N ILE B 8 -2.57 -7.42 -16.35
CA ILE B 8 -1.26 -7.92 -16.76
C ILE B 8 -0.21 -7.40 -15.80
N LEU B 9 0.11 -8.23 -14.81
CA LEU B 9 1.00 -7.85 -13.72
C LEU B 9 1.86 -9.03 -13.31
N THR B 10 3.16 -8.85 -13.33
CA THR B 10 4.05 -9.89 -12.83
C THR B 10 3.95 -9.94 -11.31
N LEU B 11 4.51 -10.99 -10.71
CA LEU B 11 4.50 -11.10 -9.25
C LEU B 11 5.13 -9.88 -8.63
N GLY B 12 6.14 -9.34 -9.31
CA GLY B 12 6.84 -8.18 -8.84
C GLY B 12 6.05 -6.90 -8.99
N GLU B 13 4.85 -7.00 -9.56
CA GLU B 13 3.96 -5.85 -9.71
C GLU B 13 2.65 -6.04 -8.94
N LEU B 14 2.63 -7.01 -8.02
CA LEU B 14 1.45 -7.33 -7.23
C LEU B 14 1.66 -7.13 -5.74
N THR B 15 0.57 -6.84 -5.02
CA THR B 15 0.65 -6.75 -3.57
C THR B 15 -0.38 -7.64 -2.89
N ASN B 16 -0.07 -7.99 -1.65
CA ASN B 16 -0.91 -8.87 -0.86
C ASN B 16 -2.20 -8.17 -0.46
N SER B 17 -3.29 -8.92 -0.45
CA SER B 17 -4.60 -8.38 -0.09
C SER B 17 -4.94 -8.58 1.39
N ARG B 18 -4.05 -9.26 2.13
CA ARG B 18 -4.28 -9.54 3.56
C ARG B 18 -3.31 -8.79 4.49
N PHE B 19 -2.27 -8.19 3.93
CA PHE B 19 -1.33 -7.37 4.70
C PHE B 19 -0.62 -6.48 3.68
N PRO B 20 -0.23 -5.25 4.07
CA PRO B 20 0.42 -4.36 3.07
C PRO B 20 1.85 -4.78 2.76
N LEU B 21 1.98 -5.74 1.87
CA LEU B 21 3.26 -6.36 1.52
C LEU B 21 3.27 -6.63 0.03
N PRO B 22 4.45 -6.56 -0.60
CA PRO B 22 4.56 -7.04 -1.98
C PRO B 22 4.38 -8.55 -2.03
N ILE B 23 3.91 -9.09 -3.16
CA ILE B 23 3.90 -10.54 -3.34
C ILE B 23 5.32 -11.00 -3.61
N ASP B 24 5.76 -11.99 -2.85
CA ASP B 24 7.11 -12.52 -2.98
C ASP B 24 7.17 -13.76 -3.88
N VAL B 25 6.26 -14.71 -3.67
CA VAL B 25 6.27 -15.97 -4.43
C VAL B 25 4.87 -16.55 -4.48
N LEU B 26 4.62 -17.37 -5.49
CA LEU B 26 3.48 -18.28 -5.47
C LEU B 26 3.80 -19.47 -4.59
N TYR B 27 2.80 -20.05 -3.96
CA TYR B 27 3.04 -21.04 -2.91
C TYR B 27 1.91 -22.05 -2.82
N THR B 28 2.24 -23.31 -2.55
CA THR B 28 1.24 -24.33 -2.25
C THR B 28 1.56 -25.03 -0.93
N ASN B 29 0.53 -25.60 -0.31
CA ASN B 29 0.69 -26.44 0.86
C ASN B 29 -0.46 -27.43 0.95
N PRO B 30 -0.40 -28.51 0.15
CA PRO B 30 -1.50 -29.47 0.02
C PRO B 30 -1.91 -30.13 1.33
N ASN B 31 -0.99 -30.22 2.28
CA ASN B 31 -1.24 -30.94 3.53
C ASN B 31 -1.75 -30.03 4.66
N GLU B 32 -2.08 -28.78 4.32
CA GLU B 32 -2.67 -27.85 5.28
C GLU B 32 -3.88 -28.45 5.98
N SER B 33 -3.89 -28.42 7.30
CA SER B 33 -4.98 -29.02 8.08
C SER B 33 -6.10 -28.03 8.40
N ALA B 34 -5.80 -26.74 8.32
CA ALA B 34 -6.77 -25.72 8.69
C ALA B 34 -7.79 -25.42 7.59
N ILE B 35 -8.97 -24.99 8.01
CA ILE B 35 -9.97 -24.46 7.10
C ILE B 35 -9.51 -23.10 6.61
N VAL B 36 -9.45 -22.93 5.29
CA VAL B 36 -9.02 -21.67 4.70
C VAL B 36 -10.23 -20.78 4.49
N GLN B 37 -10.34 -19.72 5.28
CA GLN B 37 -11.52 -18.85 5.27
C GLN B 37 -11.14 -17.41 5.61
N CYS B 38 -10.08 -16.93 4.98
CA CYS B 38 -9.67 -15.56 5.21
C CYS B 38 -10.75 -14.58 4.73
N GLN B 39 -10.74 -13.37 5.28
CA GLN B 39 -11.82 -12.42 5.05
C GLN B 39 -11.39 -11.17 4.28
N ASN B 40 -10.08 -10.91 4.24
CA ASN B 40 -9.53 -9.91 3.34
C ASN B 40 -9.05 -10.56 2.06
N GLY B 41 -9.02 -9.79 0.98
CA GLY B 41 -8.71 -10.34 -0.33
C GLY B 41 -9.76 -11.30 -0.86
N ARG B 42 -11.03 -11.02 -0.57
CA ARG B 42 -12.14 -11.86 -0.98
C ARG B 42 -13.01 -11.10 -1.96
N CYS B 43 -13.10 -11.64 -3.17
CA CYS B 43 -13.88 -11.00 -4.23
C CYS B 43 -14.28 -12.06 -5.24
N THR B 44 -15.54 -12.09 -5.61
CA THR B 44 -15.98 -13.02 -6.66
C THR B 44 -15.43 -12.59 -8.01
N LEU B 45 -15.44 -13.51 -8.97
CA LEU B 45 -14.93 -13.16 -10.28
C LEU B 45 -15.77 -12.10 -11.00
N ASP B 46 -17.03 -11.92 -10.59
CA ASP B 46 -17.84 -10.87 -11.21
C ASP B 46 -17.85 -9.60 -10.35
N GLY B 47 -16.91 -9.49 -9.42
CA GLY B 47 -16.61 -8.23 -8.79
C GLY B 47 -17.30 -7.91 -7.48
N GLU B 48 -17.86 -8.93 -6.82
CA GLU B 48 -18.49 -8.73 -5.52
C GLU B 48 -17.49 -8.91 -4.38
N LEU B 49 -17.18 -7.82 -3.67
CA LEU B 49 -16.32 -7.89 -2.50
C LEU B 49 -17.01 -8.66 -1.38
N GLN B 50 -16.25 -9.45 -0.64
CA GLN B 50 -16.84 -10.22 0.45
C GLN B 50 -16.02 -10.10 1.73
N GLY B 51 -16.57 -10.62 2.83
CA GLY B 51 -15.88 -10.57 4.10
C GLY B 51 -15.64 -9.14 4.54
N THR B 52 -14.39 -8.85 4.93
CA THR B 52 -14.01 -7.51 5.35
C THR B 52 -13.22 -6.78 4.26
N THR B 53 -13.33 -7.25 3.03
CA THR B 53 -12.49 -6.76 1.94
C THR B 53 -12.92 -5.38 1.48
N GLN B 54 -11.94 -4.48 1.37
CA GLN B 54 -12.17 -3.16 0.79
C GLN B 54 -11.03 -2.87 -0.20
N LEU B 55 -11.11 -1.75 -0.90
CA LEU B 55 -10.26 -1.52 -2.07
C LEU B 55 -8.91 -0.91 -1.79
N LEU B 56 -8.78 -0.17 -0.68
CA LEU B 56 -7.54 0.58 -0.44
C LEU B 56 -6.40 -0.30 0.04
N PRO B 57 -5.25 -0.23 -0.65
CA PRO B 57 -4.09 -0.94 -0.10
C PRO B 57 -3.73 -0.43 1.31
N THR B 58 -4.03 0.84 1.59
CA THR B 58 -3.73 1.46 2.88
C THR B 58 -4.73 1.08 3.96
N GLY B 59 -5.81 0.42 3.59
CA GLY B 59 -6.83 0.04 4.53
C GLY B 59 -6.68 -1.35 5.11
N ILE B 60 -5.81 -2.15 4.50
CA ILE B 60 -5.65 -3.53 4.90
C ILE B 60 -4.94 -3.62 6.26
N CYS B 61 -5.63 -4.18 7.25
CA CYS B 61 -5.15 -4.25 8.64
C CYS B 61 -4.92 -2.87 9.27
N ALA B 62 -5.63 -1.88 8.75
CA ALA B 62 -5.58 -0.53 9.33
C ALA B 62 -6.78 -0.29 10.22
N PHE B 63 -6.60 0.63 11.17
CA PHE B 63 -7.72 1.10 11.98
C PHE B 63 -7.71 2.62 12.08
N ARG B 64 -8.90 3.19 12.22
N ARG B 64 -8.90 3.19 12.18
CA ARG B 64 -9.11 4.61 12.46
CA ARG B 64 -9.10 4.60 12.50
C ARG B 64 -10.14 4.79 13.57
C ARG B 64 -10.05 4.68 13.67
N GLY B 65 -9.86 5.69 14.52
CA GLY B 65 -10.76 5.90 15.64
C GLY B 65 -10.21 6.89 16.65
N LYS B 66 -10.49 6.62 17.91
CA LYS B 66 -10.10 7.51 19.02
C LYS B 66 -9.82 6.69 20.26
N VAL B 67 -8.75 6.99 20.95
CA VAL B 67 -8.48 6.36 22.23
C VAL B 67 -9.50 6.85 23.28
N THR B 68 -10.02 5.93 24.08
CA THR B 68 -10.92 6.31 25.17
C THR B 68 -10.16 6.52 26.47
N GLN B 69 -9.32 5.55 26.82
CA GLN B 69 -8.57 5.60 28.06
C GLN B 69 -7.52 4.51 28.10
N GLN B 70 -6.54 4.67 28.99
CA GLN B 70 -5.63 3.59 29.31
C GLN B 70 -6.40 2.49 30.03
N VAL B 71 -6.03 1.25 29.77
CA VAL B 71 -6.64 0.09 30.42
C VAL B 71 -5.54 -0.86 30.89
N GLN B 72 -5.94 -1.88 31.65
CA GLN B 72 -5.01 -2.87 32.17
C GLN B 72 -5.16 -4.20 31.43
N ASP B 73 -4.05 -4.92 31.30
CA ASP B 73 -4.06 -6.20 30.59
C ASP B 73 -2.91 -7.07 31.04
N GLU B 74 -3.12 -8.38 31.01
CA GLU B 74 -2.10 -9.38 31.33
C GLU B 74 -0.86 -9.25 30.41
N HIS B 75 -1.06 -8.81 29.17
CA HIS B 75 0.06 -8.71 28.24
C HIS B 75 1.07 -7.66 28.69
N ARG B 76 2.32 -7.86 28.29
CA ARG B 76 3.38 -6.89 28.56
C ARG B 76 3.08 -5.56 27.87
N GLY B 77 3.42 -4.47 28.53
CA GLY B 77 3.24 -3.17 27.93
C GLY B 77 2.23 -2.31 28.63
N THR B 78 1.93 -1.19 27.99
CA THR B 78 0.94 -0.24 28.45
C THR B 78 -0.22 -0.33 27.46
N HIS B 79 -1.46 -0.35 27.93
CA HIS B 79 -2.59 -0.72 27.10
C HIS B 79 -3.62 0.37 26.96
N TRP B 80 -4.25 0.43 25.79
CA TRP B 80 -5.15 1.52 25.45
C TRP B 80 -6.37 1.00 24.73
N ASN B 81 -7.54 1.46 25.14
CA ASN B 81 -8.77 1.14 24.43
C ASN B 81 -9.02 2.20 23.40
N MET B 82 -9.42 1.75 22.22
CA MET B 82 -9.69 2.66 21.15
C MET B 82 -11.01 2.30 20.49
N THR B 83 -11.92 3.27 20.36
CA THR B 83 -13.08 3.07 19.52
C THR B 83 -12.60 3.10 18.08
N VAL B 84 -13.24 2.31 17.23
CA VAL B 84 -12.92 2.33 15.82
C VAL B 84 -14.13 2.75 15.00
N THR B 85 -13.85 3.51 13.94
CA THR B 85 -14.87 3.88 12.98
C THR B 85 -14.64 3.09 11.69
N ASN B 86 -15.46 3.34 10.69
CA ASN B 86 -15.14 2.89 9.34
C ASN B 86 -13.87 3.61 8.92
N LEU B 87 -13.14 3.03 7.98
CA LEU B 87 -11.90 3.66 7.53
C LEU B 87 -12.14 5.04 6.93
N ASN B 88 -13.35 5.28 6.44
CA ASN B 88 -13.65 6.61 5.87
C ASN B 88 -14.10 7.61 6.92
N GLY B 89 -14.08 7.22 8.19
CA GLY B 89 -14.35 8.15 9.27
C GLY B 89 -15.79 8.16 9.74
N THR B 90 -16.68 7.58 8.95
CA THR B 90 -18.09 7.48 9.36
C THR B 90 -18.21 6.44 10.48
N PRO B 91 -19.22 6.60 11.35
CA PRO B 91 -19.39 5.65 12.46
C PRO B 91 -19.64 4.23 11.96
N PHE B 92 -18.99 3.25 12.59
CA PHE B 92 -19.24 1.86 12.22
C PHE B 92 -20.60 1.41 12.79
N ASP B 93 -21.44 0.93 11.90
CA ASP B 93 -22.75 0.41 12.28
C ASP B 93 -22.68 -1.10 12.40
N PRO B 94 -22.73 -1.61 13.64
CA PRO B 94 -22.63 -3.05 13.89
C PRO B 94 -23.77 -3.86 13.27
N THR B 95 -24.85 -3.20 12.86
CA THR B 95 -25.98 -3.91 12.27
C THR B 95 -25.78 -4.19 10.78
N GLU B 96 -24.72 -3.63 10.21
CA GLU B 96 -24.39 -3.91 8.81
C GLU B 96 -23.95 -5.36 8.64
N ASP B 97 -24.26 -5.94 7.48
CA ASP B 97 -23.98 -7.35 7.21
C ASP B 97 -22.52 -7.59 6.81
N VAL B 98 -21.62 -7.21 7.69
CA VAL B 98 -20.19 -7.47 7.52
C VAL B 98 -19.66 -8.08 8.80
N PRO B 99 -18.55 -8.83 8.72
CA PRO B 99 -18.04 -9.45 9.95
C PRO B 99 -17.47 -8.44 10.96
N ALA B 100 -17.05 -7.29 10.44
CA ALA B 100 -16.28 -6.31 11.18
C ALA B 100 -16.05 -5.13 10.23
N PRO B 101 -15.56 -3.98 10.75
CA PRO B 101 -15.25 -2.89 9.81
C PRO B 101 -14.33 -3.37 8.69
N LEU B 102 -14.57 -2.91 7.47
CA LEU B 102 -13.74 -3.34 6.36
C LEU B 102 -12.28 -2.97 6.64
N GLY B 103 -11.38 -3.89 6.30
CA GLY B 103 -9.97 -3.74 6.55
C GLY B 103 -9.47 -4.39 7.83
N THR B 104 -10.38 -4.70 8.75
CA THR B 104 -10.02 -5.40 9.98
C THR B 104 -9.15 -6.63 9.69
N PRO B 105 -8.07 -6.82 10.45
CA PRO B 105 -7.26 -8.04 10.28
C PRO B 105 -8.08 -9.31 10.31
N ASP B 106 -7.70 -10.33 9.54
CA ASP B 106 -8.47 -11.57 9.46
C ASP B 106 -7.70 -12.78 9.97
N PHE B 107 -6.72 -12.53 10.83
CA PHE B 107 -5.96 -13.65 11.39
C PHE B 107 -5.57 -13.40 12.83
N SER B 108 -5.32 -14.51 13.53
CA SER B 108 -4.84 -14.48 14.92
C SER B 108 -3.36 -14.16 14.96
N GLY B 109 -2.99 -13.20 15.81
CA GLY B 109 -1.59 -12.89 16.05
C GLY B 109 -1.42 -11.55 16.73
N GLN B 110 -0.16 -11.18 16.93
CA GLN B 110 0.20 -9.88 17.48
C GLN B 110 0.66 -9.00 16.34
N ILE B 111 -0.21 -8.10 15.90
CA ILE B 111 0.11 -7.26 14.75
C ILE B 111 0.84 -6.03 15.25
N TYR B 112 2.04 -5.81 14.71
CA TYR B 112 2.93 -4.72 15.06
C TYR B 112 2.78 -3.57 14.07
N GLY B 113 2.74 -2.35 14.57
CA GLY B 113 2.64 -1.20 13.70
C GLY B 113 2.87 0.07 14.47
N VAL B 114 2.32 1.17 13.96
CA VAL B 114 2.51 2.48 14.59
C VAL B 114 1.15 3.10 14.80
N ILE B 115 0.92 3.52 16.04
CA ILE B 115 -0.23 4.35 16.35
C ILE B 115 0.19 5.81 16.24
N SER B 116 -0.56 6.61 15.48
CA SER B 116 -0.28 8.04 15.42
C SER B 116 -1.54 8.83 15.73
N GLN B 117 -1.36 10.03 16.27
CA GLN B 117 -2.45 10.92 16.63
C GLN B 117 -2.17 12.33 16.18
N ARG B 118 -3.21 12.98 15.68
CA ARG B 118 -3.20 14.40 15.37
C ARG B 118 -4.37 15.04 16.09
N ASN B 119 -4.10 15.92 17.03
CA ASN B 119 -5.16 16.44 17.86
C ASN B 119 -6.18 17.30 17.10
N THR B 120 -7.40 17.30 17.61
CA THR B 120 -8.47 18.14 17.06
C THR B 120 -8.28 19.59 17.47
N LEU B 129 -1.67 25.25 15.08
CA LEU B 129 -1.34 23.93 14.55
C LEU B 129 -1.55 22.86 15.61
N PRO B 130 -2.07 21.70 15.22
CA PRO B 130 -2.34 20.66 16.22
C PRO B 130 -1.09 19.93 16.68
N ALA B 131 -1.13 19.44 17.91
CA ALA B 131 -0.09 18.59 18.47
C ALA B 131 -0.22 17.17 17.93
N ASN B 132 0.92 16.49 17.83
CA ASN B 132 0.99 15.13 17.28
C ASN B 132 1.85 14.22 18.12
N ARG B 133 1.57 12.92 18.05
CA ARG B 133 2.49 11.92 18.58
C ARG B 133 2.30 10.59 17.84
N ALA B 134 3.35 9.79 17.82
CA ALA B 134 3.26 8.43 17.28
C ALA B 134 4.13 7.50 18.10
N HIS B 135 3.69 6.25 18.24
CA HIS B 135 4.46 5.24 18.97
C HIS B 135 4.29 3.87 18.33
N GLU B 136 5.28 3.01 18.51
CA GLU B 136 5.11 1.61 18.16
C GLU B 136 3.97 1.03 18.96
N ALA B 137 3.21 0.13 18.33
CA ALA B 137 2.07 -0.47 19.00
C ALA B 137 1.84 -1.88 18.54
N VAL B 138 1.15 -2.66 19.37
CA VAL B 138 0.79 -4.03 19.06
C VAL B 138 -0.71 -4.25 19.28
N ILE B 139 -1.35 -4.91 18.33
CA ILE B 139 -2.74 -5.33 18.47
C ILE B 139 -2.81 -6.86 18.47
N ALA B 140 -3.21 -7.44 19.61
CA ALA B 140 -3.38 -8.88 19.73
C ALA B 140 -4.78 -9.25 19.29
N THR B 141 -4.90 -9.82 18.10
CA THR B 141 -6.22 -10.03 17.51
C THR B 141 -6.96 -11.21 18.14
N TYR B 142 -6.23 -12.02 18.90
CA TYR B 142 -6.83 -13.17 19.62
C TYR B 142 -7.35 -12.77 21.00
N SER B 143 -7.06 -11.54 21.42
CA SER B 143 -7.45 -11.07 22.75
C SER B 143 -8.96 -10.93 22.89
N PRO B 144 -9.51 -11.23 24.08
CA PRO B 144 -10.93 -10.95 24.29
C PRO B 144 -11.27 -9.46 24.16
N LYS B 145 -10.26 -8.59 24.19
CA LYS B 145 -10.50 -7.16 24.05
C LYS B 145 -10.45 -6.71 22.59
N PHE B 146 -10.17 -7.65 21.68
CA PHE B 146 -10.24 -7.35 20.25
C PHE B 146 -11.68 -7.53 19.81
N THR B 147 -12.45 -6.44 19.83
CA THR B 147 -13.87 -6.54 19.49
C THR B 147 -14.28 -5.50 18.44
N PRO B 148 -13.63 -5.54 17.27
CA PRO B 148 -13.92 -4.53 16.24
C PRO B 148 -15.37 -4.51 15.77
N LYS B 149 -16.05 -5.64 15.79
CA LYS B 149 -17.46 -5.67 15.38
C LYS B 149 -18.34 -4.95 16.41
N LEU B 150 -17.87 -4.84 17.66
CA LEU B 150 -18.54 -4.04 18.67
C LEU B 150 -18.09 -2.58 18.67
N GLY B 151 -17.14 -2.25 17.80
CA GLY B 151 -16.71 -0.87 17.66
C GLY B 151 -15.53 -0.44 18.50
N ASN B 152 -14.81 -1.38 19.12
CA ASN B 152 -13.61 -0.99 19.83
C ASN B 152 -12.59 -2.11 19.93
N ILE B 153 -11.32 -1.72 19.99
CA ILE B 153 -10.21 -2.67 20.10
C ILE B 153 -9.24 -2.15 21.13
N GLN B 154 -8.23 -2.97 21.43
CA GLN B 154 -7.21 -2.58 22.39
C GLN B 154 -5.83 -2.74 21.78
N PHE B 155 -4.97 -1.75 21.99
CA PHE B 155 -3.57 -1.87 21.54
C PHE B 155 -2.63 -1.62 22.71
N SER B 156 -1.43 -2.17 22.61
CA SER B 156 -0.41 -1.93 23.61
C SER B 156 0.73 -1.14 23.02
N THR B 157 1.43 -0.42 23.88
CA THR B 157 2.62 0.33 23.51
C THR B 157 3.75 -0.04 24.47
N TRP B 158 4.98 0.18 24.03
CA TRP B 158 6.13 0.20 24.92
C TRP B 158 6.09 1.55 25.66
N GLU B 159 5.72 2.63 24.95
CA GLU B 159 5.50 3.95 25.57
C GLU B 159 4.53 3.82 26.74
N THR B 160 4.85 4.44 27.87
CA THR B 160 4.05 4.24 29.07
C THR B 160 2.97 5.31 29.33
N GLN B 161 3.05 6.47 28.66
CA GLN B 161 2.17 7.57 29.08
C GLN B 161 1.52 8.41 27.98
N ASP B 162 2.29 8.70 26.95
CA ASP B 162 1.93 9.76 26.01
C ASP B 162 1.03 9.28 24.86
N VAL B 163 -0.14 8.79 25.24
CA VAL B 163 -1.19 8.47 24.29
C VAL B 163 -2.41 9.27 24.76
N SER B 164 -2.95 10.09 23.88
CA SER B 164 -4.00 11.04 24.29
C SER B 164 -5.39 10.49 24.08
N SER B 165 -6.27 10.70 25.06
CA SER B 165 -7.66 10.29 24.93
C SER B 165 -8.47 11.29 24.13
N GLY B 166 -9.46 10.79 23.40
CA GLY B 166 -10.39 11.64 22.67
C GLY B 166 -9.82 12.30 21.44
N GLN B 167 -8.66 11.81 20.98
CA GLN B 167 -8.00 12.40 19.82
C GLN B 167 -7.95 11.44 18.64
N PRO B 168 -8.09 11.96 17.42
CA PRO B 168 -8.05 11.11 16.22
C PRO B 168 -6.79 10.25 16.17
N THR B 169 -6.99 8.95 15.97
CA THR B 169 -5.93 7.95 16.09
C THR B 169 -5.93 7.04 14.88
N LYS B 170 -4.73 6.77 14.36
CA LYS B 170 -4.53 5.93 13.19
C LYS B 170 -3.61 4.78 13.56
N PHE B 171 -3.95 3.56 13.13
CA PHE B 171 -3.01 2.45 13.22
C PHE B 171 -2.48 2.11 11.82
N THR B 172 -1.17 2.24 11.65
CA THR B 172 -0.50 1.84 10.43
C THR B 172 0.19 0.50 10.67
N PRO B 173 -0.27 -0.58 10.01
CA PRO B 173 0.35 -1.89 10.23
C PRO B 173 1.74 -1.99 9.61
N VAL B 174 2.65 -2.72 10.26
CA VAL B 174 3.99 -2.90 9.71
C VAL B 174 4.38 -4.38 9.63
N GLY B 175 4.03 -5.17 10.66
CA GLY B 175 4.37 -6.58 10.63
C GLY B 175 3.76 -7.30 11.81
N LEU B 176 4.51 -8.28 12.32
CA LEU B 176 4.11 -9.00 13.53
C LEU B 176 5.05 -8.67 14.67
N ALA B 177 4.55 -8.71 15.90
CA ALA B 177 5.40 -8.46 17.07
C ALA B 177 6.29 -9.65 17.38
N SER B 178 5.75 -10.85 17.14
CA SER B 178 6.39 -12.09 17.51
C SER B 178 5.68 -13.23 16.80
N VAL B 179 6.35 -14.38 16.65
CA VAL B 179 5.64 -15.61 16.31
C VAL B 179 5.99 -16.73 17.30
N ASP B 180 6.39 -16.37 18.51
N ASP B 180 6.38 -16.33 18.51
CA ASP B 180 6.61 -17.40 19.51
CA ASP B 180 6.55 -17.28 19.62
C ASP B 180 5.25 -17.93 19.97
C ASP B 180 5.21 -17.96 19.91
N ALA B 181 5.27 -19.09 20.63
CA ALA B 181 4.05 -19.80 20.98
C ALA B 181 3.01 -18.93 21.68
N ASN B 182 3.46 -18.08 22.61
CA ASN B 182 2.51 -17.28 23.36
C ASN B 182 2.01 -16.07 22.59
N SER B 183 2.40 -15.94 21.32
CA SER B 183 1.91 -14.83 20.50
C SER B 183 0.82 -15.27 19.53
N HIS B 184 0.53 -16.58 19.51
CA HIS B 184 -0.64 -17.15 18.83
C HIS B 184 -0.81 -16.68 17.40
N PHE B 185 0.27 -16.75 16.63
CA PHE B 185 0.17 -16.45 15.21
C PHE B 185 -0.35 -17.66 14.45
N ASP B 186 -1.51 -17.51 13.81
CA ASP B 186 -2.05 -18.54 12.94
C ASP B 186 -2.85 -17.84 11.86
N GLN B 187 -2.32 -17.85 10.64
CA GLN B 187 -2.91 -17.04 9.59
C GLN B 187 -4.29 -17.52 9.16
N TRP B 188 -4.67 -18.75 9.51
CA TRP B 188 -5.98 -19.27 9.13
C TRP B 188 -6.99 -19.30 10.28
N THR B 189 -6.58 -18.86 11.46
CA THR B 189 -7.51 -18.73 12.57
C THR B 189 -8.08 -17.33 12.59
N LEU B 190 -9.40 -17.21 12.39
CA LEU B 190 -10.05 -15.91 12.39
C LEU B 190 -10.12 -15.35 13.81
N PRO B 191 -9.99 -14.03 13.94
CA PRO B 191 -10.31 -13.40 15.23
C PRO B 191 -11.78 -13.62 15.57
N SER B 192 -12.14 -13.54 16.85
CA SER B 192 -13.54 -13.46 17.22
C SER B 192 -13.90 -11.99 17.22
N TYR B 193 -14.50 -11.52 16.14
CA TYR B 193 -14.70 -10.10 15.93
C TYR B 193 -15.55 -9.41 16.99
N SER B 194 -16.43 -10.17 17.67
CA SER B 194 -17.26 -9.59 18.73
C SER B 194 -16.81 -10.04 20.10
N GLY B 195 -15.61 -10.63 20.14
CA GLY B 195 -14.96 -11.07 21.36
C GLY B 195 -15.27 -12.46 21.83
N ALA B 196 -14.87 -12.71 23.07
CA ALA B 196 -15.02 -13.99 23.73
C ALA B 196 -16.43 -14.54 23.69
N LEU B 197 -16.47 -15.80 23.28
CA LEU B 197 -17.66 -16.64 23.30
C LEU B 197 -18.73 -16.22 22.29
N THR B 198 -18.37 -15.39 21.30
CA THR B 198 -19.34 -14.98 20.29
C THR B 198 -19.03 -15.60 18.93
N LEU B 199 -20.07 -15.85 18.15
CA LEU B 199 -19.91 -16.40 16.81
C LEU B 199 -19.71 -15.29 15.78
N ASN B 200 -18.69 -15.42 14.94
CA ASN B 200 -18.55 -14.52 13.79
C ASN B 200 -19.71 -14.67 12.83
N MET B 201 -20.06 -13.59 12.16
CA MET B 201 -21.16 -13.58 11.21
C MET B 201 -20.77 -12.93 9.89
N ASN B 202 -21.59 -13.17 8.86
CA ASN B 202 -21.41 -12.53 7.55
C ASN B 202 -20.06 -12.84 6.89
N LEU B 203 -19.53 -14.03 7.17
CA LEU B 203 -18.22 -14.41 6.67
C LEU B 203 -18.21 -14.76 5.18
N ALA B 204 -17.15 -14.39 4.48
CA ALA B 204 -16.86 -14.98 3.18
C ALA B 204 -16.68 -16.47 3.40
N PRO B 205 -17.11 -17.27 2.43
CA PRO B 205 -17.10 -18.73 2.62
C PRO B 205 -15.68 -19.31 2.62
N SER B 206 -15.54 -20.49 3.21
CA SER B 206 -14.28 -21.21 3.11
C SER B 206 -14.01 -21.62 1.67
N VAL B 207 -12.73 -21.87 1.36
CA VAL B 207 -12.35 -22.29 0.01
C VAL B 207 -11.53 -23.57 0.09
N ALA B 208 -11.66 -24.43 -0.92
CA ALA B 208 -10.96 -25.70 -0.93
C ALA B 208 -11.00 -26.31 -2.32
N PRO B 209 -9.99 -27.13 -2.64
CA PRO B 209 -10.07 -27.90 -3.88
C PRO B 209 -11.11 -29.01 -3.73
N VAL B 210 -11.72 -29.43 -4.83
CA VAL B 210 -12.69 -30.52 -4.78
C VAL B 210 -12.24 -31.67 -5.67
N PHE B 211 -11.31 -31.36 -6.57
CA PHE B 211 -10.80 -32.29 -7.55
C PHE B 211 -9.58 -33.01 -6.99
N PRO B 212 -9.51 -34.34 -7.17
CA PRO B 212 -8.36 -35.10 -6.66
C PRO B 212 -7.04 -34.64 -7.29
N GLY B 213 -6.01 -34.51 -6.46
CA GLY B 213 -4.71 -34.07 -6.94
C GLY B 213 -4.57 -32.57 -6.98
N GLU B 214 -5.64 -31.84 -6.67
CA GLU B 214 -5.57 -30.38 -6.70
C GLU B 214 -5.35 -29.79 -5.31
N CYS B 215 -4.67 -28.66 -5.29
CA CYS B 215 -4.46 -27.93 -4.06
C CYS B 215 -4.63 -26.45 -4.34
N LEU B 216 -4.86 -25.68 -3.27
CA LEU B 216 -4.93 -24.23 -3.39
C LEU B 216 -3.60 -23.66 -3.81
N LEU B 217 -3.64 -22.60 -4.62
CA LEU B 217 -2.44 -21.85 -4.97
C LEU B 217 -2.55 -20.46 -4.33
N PHE B 218 -1.51 -20.07 -3.60
CA PHE B 218 -1.51 -18.81 -2.86
C PHE B 218 -0.52 -17.81 -3.41
N PHE B 219 -0.82 -16.53 -3.20
CA PHE B 219 0.15 -15.46 -3.39
C PHE B 219 0.76 -15.15 -2.02
N ARG B 220 2.03 -15.48 -1.85
CA ARG B 220 2.68 -15.43 -0.54
C ARG B 220 3.55 -14.19 -0.35
N SER B 221 3.45 -13.59 0.82
CA SER B 221 4.32 -12.50 1.22
C SER B 221 4.97 -12.81 2.55
N PHE B 222 6.25 -12.49 2.70
CA PHE B 222 6.89 -12.62 3.99
C PHE B 222 6.67 -11.33 4.79
N ILE B 223 6.28 -11.51 6.05
CA ILE B 223 5.83 -10.39 6.87
C ILE B 223 6.91 -10.05 7.90
N PRO B 224 7.24 -8.77 8.08
CA PRO B 224 8.30 -8.40 9.03
C PRO B 224 8.00 -8.78 10.47
N LEU B 225 9.07 -8.94 11.25
CA LEU B 225 8.97 -9.22 12.68
C LEU B 225 9.70 -8.17 13.51
N LYS B 226 9.05 -7.72 14.58
CA LYS B 226 9.66 -6.81 15.54
C LYS B 226 10.82 -7.46 16.31
N GLY B 227 10.69 -8.76 16.59
CA GLY B 227 11.74 -9.46 17.30
C GLY B 227 11.52 -10.95 17.25
N GLY B 228 12.50 -11.69 17.72
CA GLY B 228 12.40 -13.14 17.81
C GLY B 228 12.85 -13.87 16.57
N TYR B 229 12.77 -15.19 16.63
CA TYR B 229 13.14 -16.06 15.54
C TYR B 229 11.92 -16.42 14.71
N GLY B 230 12.10 -16.53 13.41
CA GLY B 230 11.00 -16.92 12.54
C GLY B 230 11.11 -16.34 11.14
N ASN B 231 10.38 -16.94 10.22
CA ASN B 231 10.23 -16.42 8.86
C ASN B 231 8.76 -16.45 8.46
N PRO B 232 7.91 -15.70 9.19
CA PRO B 232 6.47 -15.79 8.92
C PRO B 232 6.06 -15.23 7.57
N ALA B 233 4.98 -15.83 7.06
CA ALA B 233 4.39 -15.43 5.80
C ALA B 233 2.87 -15.29 5.89
N ILE B 234 2.32 -14.49 5.00
CA ILE B 234 0.89 -14.30 4.86
C ILE B 234 0.52 -14.70 3.43
N ASP B 235 -0.39 -15.65 3.30
CA ASP B 235 -0.85 -16.16 2.02
C ASP B 235 -2.22 -15.60 1.64
N CYS B 236 -2.34 -14.98 0.47
CA CYS B 236 -3.66 -14.51 0.05
C CYS B 236 -4.15 -15.29 -1.17
N LEU B 237 -5.46 -15.29 -1.35
CA LEU B 237 -6.09 -16.06 -2.43
C LEU B 237 -5.93 -15.36 -3.76
N MET B 238 -5.98 -14.03 -3.73
CA MET B 238 -5.76 -13.20 -4.90
C MET B 238 -5.11 -11.91 -4.41
N PRO B 239 -4.22 -11.33 -5.23
CA PRO B 239 -3.58 -10.08 -4.83
C PRO B 239 -4.57 -8.94 -4.83
N GLN B 240 -4.21 -7.86 -4.14
CA GLN B 240 -5.10 -6.72 -4.04
C GLN B 240 -5.45 -6.14 -5.41
N GLU B 241 -4.51 -6.19 -6.36
CA GLU B 241 -4.77 -5.64 -7.69
C GLU B 241 -5.83 -6.45 -8.43
N TRP B 242 -5.91 -7.75 -8.16
CA TRP B 242 -6.98 -8.55 -8.74
C TRP B 242 -8.33 -8.17 -8.15
N VAL B 243 -8.39 -7.99 -6.83
CA VAL B 243 -9.60 -7.49 -6.20
C VAL B 243 -10.04 -6.16 -6.85
N GLN B 244 -9.09 -5.25 -7.01
CA GLN B 244 -9.40 -3.95 -7.58
C GLN B 244 -9.89 -4.06 -9.04
N HIS B 245 -9.25 -4.95 -9.81
CA HIS B 245 -9.60 -5.15 -11.21
C HIS B 245 -10.99 -5.77 -11.37
N LEU B 246 -11.24 -6.84 -10.62
CA LEU B 246 -12.52 -7.53 -10.69
C LEU B 246 -13.66 -6.61 -10.30
N TYR B 247 -13.44 -5.82 -9.25
CA TYR B 247 -14.44 -4.85 -8.83
C TYR B 247 -14.76 -3.86 -9.95
N GLN B 248 -13.73 -3.34 -10.62
CA GLN B 248 -13.93 -2.40 -11.73
C GLN B 248 -14.71 -3.04 -12.86
N GLU B 249 -14.26 -4.23 -13.28
CA GLU B 249 -14.76 -4.87 -14.49
C GLU B 249 -16.18 -5.41 -14.34
N SER B 250 -16.42 -6.09 -13.22
CA SER B 250 -17.70 -6.74 -12.96
C SER B 250 -18.18 -7.56 -14.14
N ALA B 251 -17.28 -8.36 -14.71
CA ALA B 251 -17.62 -9.18 -15.87
C ALA B 251 -18.42 -10.40 -15.42
N PRO B 252 -19.50 -10.72 -16.16
CA PRO B 252 -20.28 -11.89 -15.80
C PRO B 252 -19.47 -13.18 -15.82
N SER B 253 -19.64 -14.03 -14.81
CA SER B 253 -18.99 -15.32 -14.77
C SER B 253 -19.81 -16.30 -15.61
N LEU B 254 -19.20 -16.87 -16.64
CA LEU B 254 -19.95 -17.70 -17.58
C LEU B 254 -19.96 -19.18 -17.17
N SER B 255 -19.18 -19.52 -16.15
CA SER B 255 -19.26 -20.82 -15.50
C SER B 255 -18.70 -20.67 -14.09
N ASP B 256 -18.58 -21.78 -13.37
CA ASP B 256 -18.08 -21.72 -12.00
C ASP B 256 -16.56 -21.75 -11.97
N VAL B 257 -15.93 -22.03 -13.10
CA VAL B 257 -14.48 -22.20 -13.16
C VAL B 257 -13.88 -21.62 -14.41
N ALA B 258 -12.95 -20.68 -14.24
CA ALA B 258 -12.17 -20.13 -15.35
C ALA B 258 -10.83 -20.85 -15.44
N LEU B 259 -10.45 -21.22 -16.65
CA LEU B 259 -9.10 -21.75 -16.87
C LEU B 259 -8.14 -20.60 -17.10
N VAL B 260 -7.05 -20.56 -16.34
CA VAL B 260 -6.03 -19.53 -16.54
C VAL B 260 -4.65 -20.17 -16.76
N ARG B 261 -3.79 -19.48 -17.50
CA ARG B 261 -2.45 -19.97 -17.79
C ARG B 261 -1.42 -18.99 -17.26
N TYR B 262 -0.40 -19.53 -16.59
CA TYR B 262 0.73 -18.72 -16.14
C TYR B 262 1.74 -18.70 -17.26
N VAL B 263 1.91 -17.55 -17.89
CA VAL B 263 2.67 -17.46 -19.12
C VAL B 263 3.98 -16.70 -18.96
N ASN B 264 4.99 -17.13 -19.71
CA ASN B 264 6.23 -16.37 -19.85
C ASN B 264 6.11 -15.55 -21.13
N PRO B 265 5.90 -14.23 -21.02
CA PRO B 265 5.66 -13.35 -22.16
C PRO B 265 6.83 -13.32 -23.16
N GLU B 266 8.05 -13.48 -22.66
CA GLU B 266 9.22 -13.53 -23.53
C GLU B 266 9.16 -14.73 -24.46
N THR B 267 9.06 -15.92 -23.86
CA THR B 267 8.98 -17.15 -24.64
C THR B 267 7.59 -17.35 -25.22
N GLY B 268 6.59 -16.83 -24.54
CA GLY B 268 5.21 -17.04 -24.94
C GLY B 268 4.70 -18.37 -24.41
N ARG B 269 5.60 -19.11 -23.77
CA ARG B 269 5.29 -20.44 -23.27
C ARG B 269 4.50 -20.41 -21.97
N THR B 270 3.57 -21.36 -21.83
CA THR B 270 2.81 -21.53 -20.61
C THR B 270 3.62 -22.34 -19.61
N LEU B 271 3.80 -21.82 -18.40
CA LEU B 271 4.57 -22.51 -17.37
C LEU B 271 3.72 -23.55 -16.65
N PHE B 272 2.45 -23.20 -16.40
CA PHE B 272 1.47 -24.13 -15.86
C PHE B 272 0.09 -23.52 -16.02
N GLU B 273 -0.94 -24.33 -15.81
CA GLU B 273 -2.30 -23.81 -15.84
C GLU B 273 -2.94 -24.01 -14.47
N ALA B 274 -4.01 -23.26 -14.23
CA ALA B 274 -4.70 -23.29 -12.97
C ALA B 274 -6.18 -23.06 -13.16
N LYS B 275 -6.97 -23.47 -12.17
CA LYS B 275 -8.38 -23.14 -12.12
C LYS B 275 -8.59 -21.89 -11.28
N LEU B 276 -9.28 -20.90 -11.85
CA LEU B 276 -9.71 -19.73 -11.09
C LEU B 276 -11.20 -19.85 -10.83
N HIS B 277 -11.54 -20.11 -9.57
CA HIS B 277 -12.90 -20.42 -9.18
C HIS B 277 -13.74 -19.17 -8.99
N ARG B 278 -15.04 -19.30 -9.23
CA ARG B 278 -16.00 -18.21 -9.16
C ARG B 278 -15.90 -17.37 -7.87
N ASN B 279 -15.70 -18.04 -6.75
N ASN B 279 -15.67 -18.03 -6.75
CA ASN B 279 -15.65 -17.34 -5.46
CA ASN B 279 -15.64 -17.35 -5.47
C ASN B 279 -14.36 -16.54 -5.26
C ASN B 279 -14.31 -16.65 -5.19
N GLY B 280 -13.38 -16.74 -6.13
CA GLY B 280 -12.15 -15.94 -6.09
C GLY B 280 -10.95 -16.60 -5.45
N PHE B 281 -10.57 -17.74 -6.00
CA PHE B 281 -9.37 -18.45 -5.53
C PHE B 281 -8.88 -19.40 -6.61
N LEU B 282 -7.63 -19.82 -6.48
CA LEU B 282 -6.96 -20.66 -7.47
C LEU B 282 -6.68 -22.06 -6.95
N THR B 283 -6.81 -23.05 -7.83
CA THR B 283 -6.24 -24.37 -7.55
C THR B 283 -5.35 -24.82 -8.70
N VAL B 284 -4.39 -25.68 -8.37
CA VAL B 284 -3.47 -26.27 -9.33
C VAL B 284 -3.35 -27.76 -9.05
N ALA B 285 -2.90 -28.51 -10.06
CA ALA B 285 -2.56 -29.91 -9.87
C ALA B 285 -1.09 -30.02 -9.47
N ARG B 286 -0.84 -30.06 -8.16
CA ARG B 286 0.51 -30.15 -7.63
C ARG B 286 0.49 -31.02 -6.39
N ASN B 287 1.51 -31.86 -6.22
CA ASN B 287 1.53 -32.76 -5.08
C ASN B 287 2.67 -32.47 -4.10
N SER B 288 3.10 -31.20 -4.06
CA SER B 288 4.16 -30.79 -3.17
C SER B 288 3.82 -29.46 -2.52
N ALA B 289 4.48 -29.19 -1.40
CA ALA B 289 4.37 -27.92 -0.69
C ALA B 289 5.59 -27.06 -0.99
N GLY B 290 5.43 -25.74 -0.91
CA GLY B 290 6.56 -24.85 -1.07
C GLY B 290 6.33 -23.85 -2.18
N PRO B 291 7.35 -23.00 -2.43
CA PRO B 291 7.23 -21.99 -3.49
C PRO B 291 7.11 -22.60 -4.87
N VAL B 292 6.46 -21.87 -5.77
CA VAL B 292 6.49 -22.20 -7.18
C VAL B 292 7.63 -21.38 -7.77
N VAL B 293 8.72 -22.05 -8.13
CA VAL B 293 9.89 -21.32 -8.61
C VAL B 293 9.72 -21.03 -10.10
N ALA B 294 9.32 -19.80 -10.41
CA ALA B 294 8.97 -19.45 -11.79
C ALA B 294 9.70 -18.18 -12.22
N PRO B 295 9.92 -18.02 -13.54
CA PRO B 295 10.55 -16.80 -14.06
C PRO B 295 9.86 -15.53 -13.56
N THR B 296 10.65 -14.49 -13.35
CA THR B 296 10.18 -13.22 -12.80
C THR B 296 9.14 -12.52 -13.67
N ASN B 297 9.15 -12.76 -14.97
CA ASN B 297 8.29 -12.04 -15.89
C ASN B 297 6.90 -12.67 -16.08
N GLY B 298 6.62 -13.76 -15.35
N GLY B 298 6.63 -13.76 -15.35
CA GLY B 298 5.40 -14.51 -15.52
CA GLY B 298 5.40 -14.51 -15.52
C GLY B 298 4.15 -13.88 -14.95
C GLY B 298 4.15 -13.86 -14.95
N TYR B 299 3.00 -14.15 -15.58
CA TYR B 299 1.71 -13.69 -15.07
C TYR B 299 0.56 -14.55 -15.60
N PHE B 300 -0.58 -14.50 -14.90
CA PHE B 300 -1.76 -15.27 -15.30
C PHE B 300 -2.56 -14.60 -16.42
N ARG B 301 -3.01 -15.41 -17.37
CA ARG B 301 -3.86 -14.95 -18.44
C ARG B 301 -5.13 -15.79 -18.50
N PHE B 302 -6.27 -15.16 -18.65
CA PHE B 302 -7.51 -15.90 -18.79
C PHE B 302 -7.51 -16.65 -20.13
N ASP B 303 -7.88 -17.92 -20.10
CA ASP B 303 -7.93 -18.74 -21.31
C ASP B 303 -9.36 -18.98 -21.75
N SER B 304 -10.17 -19.54 -20.87
CA SER B 304 -11.53 -19.94 -21.22
C SER B 304 -12.30 -20.34 -19.98
N TRP B 305 -13.62 -20.36 -20.10
CA TRP B 305 -14.46 -20.89 -19.06
C TRP B 305 -14.56 -22.40 -19.21
N VAL B 306 -14.31 -23.12 -18.13
CA VAL B 306 -14.42 -24.58 -18.14
C VAL B 306 -15.41 -24.99 -17.05
N ASN B 307 -15.28 -26.20 -16.52
CA ASN B 307 -16.10 -26.59 -15.38
C ASN B 307 -15.29 -27.41 -14.37
N GLN B 308 -15.97 -27.89 -13.32
CA GLN B 308 -15.30 -28.59 -12.23
C GLN B 308 -14.66 -29.90 -12.66
N PHE B 309 -15.04 -30.41 -13.83
CA PHE B 309 -14.53 -31.70 -14.27
C PHE B 309 -13.27 -31.59 -15.12
N TYR B 310 -12.88 -30.36 -15.43
CA TYR B 310 -11.66 -30.13 -16.21
C TYR B 310 -10.45 -30.66 -15.46
N THR B 311 -9.62 -31.40 -16.17
CA THR B 311 -8.42 -31.97 -15.58
C THR B 311 -7.23 -31.08 -15.91
N LEU B 312 -6.64 -30.49 -14.87
CA LEU B 312 -5.49 -29.63 -15.04
C LEU B 312 -4.25 -30.44 -15.36
N ALA B 313 -3.43 -29.91 -16.26
CA ALA B 313 -2.10 -30.48 -16.49
C ALA B 313 -1.29 -30.36 -15.20
N PRO B 314 -0.65 -31.46 -14.79
CA PRO B 314 0.21 -31.46 -13.60
C PRO B 314 1.30 -30.39 -13.68
N MET B 315 1.55 -29.70 -12.58
CA MET B 315 2.63 -28.72 -12.55
C MET B 315 3.99 -29.41 -12.56
#